data_4LW0
#
_entry.id   4LW0
#
_cell.length_a   27.180
_cell.length_b   68.460
_cell.length_c   157.080
_cell.angle_alpha   90.00
_cell.angle_beta   90.00
_cell.angle_gamma   90.00
#
_symmetry.space_group_name_H-M   'P 21 21 21'
#
loop_
_entity.id
_entity.type
_entity.pdbx_description
1 polymer 'THF riboswitch'
2 non-polymer ADENINE
3 water water
#
_entity_poly.entity_id   1
_entity_poly.type   'polyribonucleotide'
_entity_poly.pdbx_seq_one_letter_code
;GGAGAGUAGAUGAUUCGCGUUAAGUGUGUGUGAAUGGGAUGUCGUCACACAACGAAGCGAGAGCGCGGUGAAUCAUUGCA
UCCGCUCCA
;
_entity_poly.pdbx_strand_id   A
#